data_1IG8
#
_entry.id   1IG8
#
_cell.length_a   142.809
_cell.length_b   142.809
_cell.length_c   58.462
_cell.angle_alpha   90.00
_cell.angle_beta   90.00
_cell.angle_gamma   90.00
#
_symmetry.space_group_name_H-M   'I 4'
#
loop_
_entity.id
_entity.type
_entity.pdbx_description
1 polymer 'hexokinase PII'
2 non-polymer 'SULFATE ION'
3 water water
#
_entity_poly.entity_id   1
_entity_poly.type   'polypeptide(L)'
_entity_poly.pdbx_seq_one_letter_code
;MVHLGPKKPQARKGSMADVPKELMQQIENFEKIFTVPTETLQAVTKHFISELEKGLSKKGGNIPMIPGWVMDFPTGKESG
DFLAIDLGGTNLRVVLVKLGGDRTFDTTQSKYRLPDAMRTTQNPDELWEFIADSLKAFIDEQFPQGISEPIPLGFTFSFP
ASQNKINEGILQRWTKGFDIPNIENHDVVPMLQKQITKRNIPIEVVALINDTTGTLVASYYTDPETKMGVIFGTGVNGAY
YDVCSDIEKLQGKLSDDIPPSAPMAINCEYGSFDNEHVVLPRTKYDITIDEESPRPGQQTFEKMSSGYYLGEILRLALMD
MYKQGFIFKNQDLSKFDKPFVMDTSYPARIEEDPFENLEDTDDLFQNEFGINTTVQERKLIRRLSELIGARAARLSVCGI
AAICQKRGYKTGHIAADGSVYNRYPGFKEKAANALKDIYGWTQTSLDDYPIKIVPAEDGSGAGAAVIAALAQKRIAEGKS
VGIIGA
;
_entity_poly.pdbx_strand_id   A
#
loop_
_chem_comp.id
_chem_comp.type
_chem_comp.name
_chem_comp.formula
SO4 non-polymer 'SULFATE ION' 'O4 S -2'
#
# COMPACT_ATOMS: atom_id res chain seq x y z
N ASP A 18 11.42 -21.65 32.11
CA ASP A 18 11.88 -20.63 33.07
C ASP A 18 10.73 -20.02 33.89
N VAL A 19 9.88 -19.30 33.18
CA VAL A 19 8.83 -18.43 33.62
C VAL A 19 8.01 -18.76 34.85
N PRO A 20 8.09 -17.86 35.83
CA PRO A 20 7.27 -17.96 37.03
C PRO A 20 5.80 -17.99 36.63
N LYS A 21 4.99 -18.44 37.56
CA LYS A 21 3.56 -18.54 37.46
C LYS A 21 2.89 -17.19 37.23
N GLU A 22 3.35 -16.11 37.84
CA GLU A 22 2.70 -14.81 37.67
C GLU A 22 2.85 -14.30 36.23
N LEU A 23 4.03 -14.44 35.64
CA LEU A 23 4.29 -14.01 34.28
C LEU A 23 3.54 -14.87 33.26
N MET A 24 3.40 -16.15 33.60
CA MET A 24 2.76 -17.13 32.75
C MET A 24 1.28 -16.85 32.61
N GLN A 25 0.64 -16.39 33.67
CA GLN A 25 -0.74 -15.96 33.66
C GLN A 25 -0.82 -14.65 32.84
N GLN A 26 0.21 -13.80 32.86
CA GLN A 26 0.08 -12.60 32.06
C GLN A 26 0.21 -12.90 30.56
N ILE A 27 1.04 -13.90 30.26
CA ILE A 27 1.22 -14.29 28.87
C ILE A 27 -0.05 -14.91 28.34
N GLU A 28 -0.72 -15.71 29.18
CA GLU A 28 -1.97 -16.34 28.76
C GLU A 28 -3.05 -15.25 28.62
N ASN A 29 -3.07 -14.21 29.46
CA ASN A 29 -4.02 -13.13 29.18
C ASN A 29 -3.70 -12.46 27.84
N PHE A 30 -2.43 -12.23 27.52
CA PHE A 30 -2.09 -11.62 26.24
C PHE A 30 -2.42 -12.52 25.05
N GLU A 31 -2.40 -13.86 25.18
CA GLU A 31 -2.79 -14.74 24.11
C GLU A 31 -4.26 -14.61 23.73
N LYS A 32 -5.09 -14.41 24.73
CA LYS A 32 -6.53 -14.18 24.57
C LYS A 32 -6.85 -12.80 23.98
N ILE A 33 -6.11 -11.75 24.32
CA ILE A 33 -6.27 -10.44 23.70
C ILE A 33 -5.86 -10.38 22.23
N PHE A 34 -4.73 -10.93 21.84
CA PHE A 34 -4.17 -10.79 20.52
C PHE A 34 -4.38 -11.93 19.58
N THR A 35 -4.96 -13.07 20.02
CA THR A 35 -5.18 -14.14 19.05
C THR A 35 -6.46 -13.84 18.29
N VAL A 36 -6.46 -13.91 17.00
CA VAL A 36 -7.68 -13.73 16.18
C VAL A 36 -7.94 -15.05 15.48
N PRO A 37 -8.85 -15.85 16.04
CA PRO A 37 -9.11 -17.20 15.52
C PRO A 37 -9.78 -17.13 14.17
N THR A 38 -9.84 -18.27 13.46
CA THR A 38 -10.45 -18.34 12.14
C THR A 38 -11.84 -17.73 12.03
N GLU A 39 -12.71 -18.01 12.99
CA GLU A 39 -14.07 -17.47 12.95
C GLU A 39 -14.09 -15.95 12.96
N THR A 40 -13.17 -15.28 13.62
CA THR A 40 -13.14 -13.82 13.57
C THR A 40 -12.72 -13.38 12.17
N LEU A 41 -11.72 -14.02 11.59
CA LEU A 41 -11.28 -13.73 10.24
C LEU A 41 -12.43 -13.87 9.26
N GLN A 42 -13.23 -14.93 9.35
CA GLN A 42 -14.36 -15.13 8.44
C GLN A 42 -15.47 -14.11 8.62
N ALA A 43 -15.66 -13.59 9.84
CA ALA A 43 -16.65 -12.56 10.05
C ALA A 43 -16.15 -11.20 9.57
N VAL A 44 -14.87 -10.93 9.80
CA VAL A 44 -14.32 -9.68 9.25
C VAL A 44 -14.47 -9.69 7.72
N THR A 45 -14.08 -10.82 7.11
CA THR A 45 -14.06 -10.92 5.65
C THR A 45 -15.46 -10.71 5.09
N LYS A 46 -16.44 -11.37 5.65
CA LYS A 46 -17.84 -11.27 5.27
C LYS A 46 -18.35 -9.85 5.31
N HIS A 47 -18.01 -9.08 6.35
CA HIS A 47 -18.45 -7.70 6.44
C HIS A 47 -17.66 -6.88 5.41
N PHE A 48 -16.40 -7.23 5.18
CA PHE A 48 -15.55 -6.55 4.19
C PHE A 48 -16.15 -6.67 2.78
N ILE A 49 -16.74 -7.83 2.43
CA ILE A 49 -17.35 -7.99 1.09
C ILE A 49 -18.56 -7.06 1.04
N SER A 50 -19.41 -6.95 2.09
CA SER A 50 -20.49 -5.96 1.97
C SER A 50 -20.02 -4.52 1.73
N GLU A 51 -19.00 -4.09 2.44
CA GLU A 51 -18.43 -2.78 2.36
C GLU A 51 -17.82 -2.48 1.01
N LEU A 52 -17.20 -3.44 0.35
CA LEU A 52 -16.70 -3.31 -1.00
C LEU A 52 -17.89 -3.01 -1.93
N GLU A 53 -18.95 -3.82 -1.81
CA GLU A 53 -20.14 -3.61 -2.63
C GLU A 53 -20.81 -2.27 -2.33
N LYS A 54 -20.79 -1.85 -1.06
CA LYS A 54 -21.44 -0.56 -0.76
C LYS A 54 -20.68 0.62 -1.33
N GLY A 55 -19.35 0.52 -1.40
CA GLY A 55 -18.48 1.54 -1.94
C GLY A 55 -18.63 1.70 -3.45
N LEU A 56 -19.06 0.66 -4.15
CA LEU A 56 -19.33 0.76 -5.59
C LEU A 56 -20.74 1.30 -5.90
N SER A 57 -21.61 1.41 -4.90
CA SER A 57 -23.00 1.81 -5.14
C SER A 57 -23.12 3.32 -5.30
N LYS A 58 -24.25 3.78 -5.83
CA LYS A 58 -24.50 5.20 -6.00
C LYS A 58 -24.42 5.96 -4.67
N LYS A 59 -24.90 5.35 -3.58
CA LYS A 59 -24.82 6.00 -2.29
C LYS A 59 -23.41 6.01 -1.69
N GLY A 60 -22.52 5.07 -1.99
CA GLY A 60 -21.16 5.12 -1.47
C GLY A 60 -21.03 4.62 -0.05
N GLY A 61 -19.82 4.64 0.52
CA GLY A 61 -19.61 4.12 1.87
C GLY A 61 -18.22 4.49 2.38
N ASN A 62 -17.77 3.99 3.52
CA ASN A 62 -16.45 4.34 4.05
C ASN A 62 -15.31 3.89 3.16
N ILE A 63 -15.43 2.79 2.43
CA ILE A 63 -14.40 2.43 1.44
C ILE A 63 -14.71 3.19 0.14
N PRO A 64 -13.80 4.03 -0.32
CA PRO A 64 -13.98 4.83 -1.50
C PRO A 64 -14.13 4.04 -2.78
N MET A 65 -13.38 2.95 -3.01
CA MET A 65 -13.56 2.11 -4.18
C MET A 65 -13.46 2.93 -5.46
N ILE A 66 -12.28 3.49 -5.67
CA ILE A 66 -12.08 4.46 -6.76
C ILE A 66 -11.81 3.82 -8.09
N PRO A 67 -12.60 4.14 -9.09
CA PRO A 67 -12.30 3.74 -10.47
C PRO A 67 -10.93 4.24 -10.88
N GLY A 68 -10.07 3.34 -11.36
CA GLY A 68 -8.73 3.70 -11.80
C GLY A 68 -8.64 4.13 -13.24
N TRP A 69 -9.70 4.02 -14.07
CA TRP A 69 -9.77 4.37 -15.47
C TRP A 69 -8.81 3.51 -16.27
N VAL A 70 -8.56 2.26 -15.81
CA VAL A 70 -7.81 1.32 -16.63
C VAL A 70 -8.87 0.33 -17.09
N MET A 71 -9.18 0.26 -18.36
CA MET A 71 -10.31 -0.55 -18.82
C MET A 71 -9.88 -1.62 -19.81
N ASP A 72 -8.66 -2.07 -19.67
CA ASP A 72 -8.13 -3.12 -20.55
C ASP A 72 -7.21 -4.00 -19.71
N PHE A 73 -7.10 -5.27 -20.01
CA PHE A 73 -6.07 -6.07 -19.36
C PHE A 73 -4.88 -5.98 -20.31
N PRO A 74 -3.67 -5.82 -19.81
CA PRO A 74 -2.51 -5.88 -20.67
C PRO A 74 -2.47 -7.23 -21.35
N THR A 75 -2.08 -7.36 -22.63
CA THR A 75 -2.01 -8.68 -23.27
C THR A 75 -0.64 -9.31 -23.07
N GLY A 76 0.37 -8.51 -22.76
CA GLY A 76 1.70 -9.07 -22.64
C GLY A 76 2.49 -8.84 -23.94
N LYS A 77 1.83 -8.35 -24.98
CA LYS A 77 2.48 -8.09 -26.26
C LYS A 77 2.71 -6.61 -26.53
N GLU A 78 2.32 -5.73 -25.62
CA GLU A 78 2.62 -4.30 -25.81
C GLU A 78 4.15 -4.17 -25.86
N SER A 79 4.66 -3.29 -26.73
CA SER A 79 6.12 -3.15 -26.84
C SER A 79 6.46 -1.70 -27.09
N GLY A 80 7.71 -1.31 -26.86
CA GLY A 80 8.10 0.07 -27.10
C GLY A 80 8.61 0.77 -25.84
N ASP A 81 8.97 2.02 -25.99
CA ASP A 81 9.54 2.91 -25.01
C ASP A 81 8.55 3.80 -24.30
N PHE A 82 8.42 3.68 -22.98
CA PHE A 82 7.48 4.47 -22.21
C PHE A 82 8.20 5.04 -20.99
N LEU A 83 7.80 6.22 -20.54
CA LEU A 83 8.43 6.81 -19.37
C LEU A 83 7.40 6.78 -18.22
N ALA A 84 7.94 6.85 -17.00
CA ALA A 84 7.14 6.90 -15.79
C ALA A 84 7.85 7.83 -14.83
N ILE A 85 7.09 8.67 -14.10
CA ILE A 85 7.80 9.43 -13.07
C ILE A 85 7.07 9.13 -11.76
N ASP A 86 7.87 9.07 -10.70
CA ASP A 86 7.31 8.86 -9.37
C ASP A 86 7.71 9.97 -8.42
N LEU A 87 6.76 10.81 -8.03
CA LEU A 87 7.05 11.92 -7.12
C LEU A 87 6.93 11.45 -5.66
N GLY A 88 8.11 11.25 -5.06
CA GLY A 88 8.16 10.73 -3.70
C GLY A 88 8.33 11.78 -2.61
N GLY A 89 8.70 11.26 -1.45
CA GLY A 89 8.96 12.09 -0.30
C GLY A 89 10.25 12.87 -0.48
N THR A 90 11.33 12.17 -0.79
CA THR A 90 12.66 12.75 -0.91
C THR A 90 13.11 12.97 -2.36
N ASN A 91 12.81 11.95 -3.18
CA ASN A 91 13.32 11.91 -4.54
C ASN A 91 12.23 11.85 -5.58
N LEU A 92 12.57 12.44 -6.72
CA LEU A 92 11.83 12.35 -7.95
C LEU A 92 12.53 11.19 -8.66
N ARG A 93 11.77 10.18 -9.02
CA ARG A 93 12.38 9.04 -9.73
C ARG A 93 11.83 9.03 -11.15
N VAL A 94 12.70 8.86 -12.13
CA VAL A 94 12.42 8.90 -13.54
C VAL A 94 12.79 7.57 -14.20
N VAL A 95 11.78 6.98 -14.86
CA VAL A 95 12.04 5.62 -15.32
C VAL A 95 11.75 5.50 -16.82
N LEU A 96 12.71 4.96 -17.55
CA LEU A 96 12.49 4.60 -18.94
C LEU A 96 12.22 3.09 -18.96
N VAL A 97 11.03 2.70 -19.38
CA VAL A 97 10.63 1.31 -19.41
C VAL A 97 10.49 0.83 -20.85
N LYS A 98 11.19 -0.24 -21.21
CA LYS A 98 11.15 -0.76 -22.56
C LYS A 98 10.33 -2.05 -22.52
N LEU A 99 9.11 -1.97 -23.05
CA LEU A 99 8.26 -3.15 -23.02
C LEU A 99 8.75 -4.08 -24.12
N GLY A 100 9.20 -5.27 -23.73
CA GLY A 100 9.66 -6.29 -24.63
C GLY A 100 8.68 -6.91 -25.59
N GLY A 101 7.38 -6.85 -25.33
CA GLY A 101 6.36 -7.48 -26.15
C GLY A 101 6.28 -8.98 -25.90
N ASP A 102 6.99 -9.45 -24.88
CA ASP A 102 6.95 -10.87 -24.57
C ASP A 102 6.74 -11.16 -23.09
N ARG A 103 6.02 -10.28 -22.38
CA ARG A 103 5.80 -10.37 -20.95
C ARG A 103 7.04 -10.04 -20.14
N THR A 104 7.98 -9.31 -20.71
CA THR A 104 9.19 -8.93 -19.99
C THR A 104 9.41 -7.44 -20.25
N PHE A 105 10.21 -6.79 -19.42
CA PHE A 105 10.55 -5.39 -19.68
C PHE A 105 11.90 -5.07 -19.06
N ASP A 106 12.48 -3.99 -19.54
CA ASP A 106 13.76 -3.47 -19.14
C ASP A 106 13.55 -2.05 -18.58
N THR A 107 14.18 -1.74 -17.46
CA THR A 107 14.05 -0.38 -16.95
C THR A 107 15.41 0.30 -16.78
N THR A 108 15.39 1.61 -16.86
CA THR A 108 16.56 2.45 -16.68
C THR A 108 16.13 3.58 -15.76
N GLN A 109 16.72 3.78 -14.58
CA GLN A 109 16.15 4.83 -13.74
C GLN A 109 17.16 5.83 -13.24
N SER A 110 16.72 7.02 -12.85
CA SER A 110 17.63 7.99 -12.26
C SER A 110 16.87 8.64 -11.11
N LYS A 111 17.56 8.93 -10.01
CA LYS A 111 16.86 9.58 -8.90
C LYS A 111 17.31 11.02 -8.81
N TYR A 112 16.42 11.99 -8.64
CA TYR A 112 16.79 13.39 -8.56
C TYR A 112 16.27 13.95 -7.22
N ARG A 113 17.16 13.98 -6.22
CA ARG A 113 16.74 14.40 -4.89
C ARG A 113 15.98 15.74 -4.95
N LEU A 114 14.89 15.76 -4.18
CA LEU A 114 14.01 16.92 -4.13
C LEU A 114 14.51 17.88 -3.08
N PRO A 115 15.00 19.04 -3.51
CA PRO A 115 15.46 20.04 -2.56
C PRO A 115 14.51 20.19 -1.37
N ASP A 116 15.13 20.43 -0.23
CA ASP A 116 14.51 20.68 1.07
C ASP A 116 13.47 21.79 1.00
N ALA A 117 13.86 22.89 0.33
CA ALA A 117 13.01 24.04 0.11
C ALA A 117 11.93 23.82 -0.95
N MET A 118 12.02 22.78 -1.76
CA MET A 118 11.04 22.58 -2.82
C MET A 118 9.68 22.13 -2.34
N ARG A 119 9.61 21.29 -1.34
CA ARG A 119 8.39 20.77 -0.75
C ARG A 119 7.44 21.86 -0.27
N THR A 120 7.99 23.01 0.11
CA THR A 120 7.21 24.09 0.67
C THR A 120 7.30 25.39 -0.12
N THR A 121 7.78 25.33 -1.35
CA THR A 121 7.85 26.56 -2.13
C THR A 121 6.58 27.40 -2.05
N GLN A 122 6.69 28.68 -2.34
CA GLN A 122 5.55 29.57 -2.46
C GLN A 122 5.29 30.01 -3.90
N ASN A 123 6.04 29.48 -4.85
CA ASN A 123 5.82 29.72 -6.28
C ASN A 123 5.27 28.41 -6.83
N PRO A 124 4.00 28.36 -7.13
CA PRO A 124 3.35 27.13 -7.57
C PRO A 124 3.94 26.52 -8.84
N ASP A 125 4.55 27.25 -9.76
CA ASP A 125 5.13 26.68 -10.95
C ASP A 125 6.39 25.88 -10.68
N GLU A 126 7.17 26.32 -9.71
CA GLU A 126 8.47 25.80 -9.37
C GLU A 126 8.67 24.30 -9.37
N LEU A 127 7.82 23.53 -8.69
CA LEU A 127 7.92 22.09 -8.65
C LEU A 127 7.83 21.47 -10.06
N TRP A 128 6.90 21.94 -10.89
CA TRP A 128 6.76 21.47 -12.28
C TRP A 128 7.98 21.79 -13.13
N GLU A 129 8.62 22.95 -12.90
CA GLU A 129 9.87 23.29 -13.58
C GLU A 129 10.99 22.34 -13.18
N PHE A 130 11.02 21.95 -11.91
CA PHE A 130 12.07 21.03 -11.47
C PHE A 130 11.90 19.64 -12.08
N ILE A 131 10.66 19.17 -12.22
CA ILE A 131 10.37 17.87 -12.80
C ILE A 131 10.71 17.90 -14.29
N ALA A 132 10.29 18.90 -15.03
CA ALA A 132 10.64 19.07 -16.44
C ALA A 132 12.14 19.24 -16.64
N ASP A 133 12.86 20.03 -15.82
CA ASP A 133 14.30 20.08 -15.96
C ASP A 133 14.99 18.74 -15.73
N SER A 134 14.50 17.89 -14.84
CA SER A 134 15.08 16.59 -14.55
C SER A 134 14.76 15.61 -15.69
N LEU A 135 13.59 15.76 -16.29
CA LEU A 135 13.22 14.99 -17.46
C LEU A 135 14.15 15.29 -18.63
N LYS A 136 14.44 16.57 -18.82
CA LYS A 136 15.37 17.04 -19.85
C LYS A 136 16.74 16.43 -19.66
N ALA A 137 17.30 16.52 -18.43
CA ALA A 137 18.59 15.86 -18.19
C ALA A 137 18.51 14.36 -18.42
N PHE A 138 17.38 13.71 -18.09
CA PHE A 138 17.30 12.27 -18.25
C PHE A 138 17.33 11.90 -19.74
N ILE A 139 16.56 12.63 -20.52
CA ILE A 139 16.39 12.42 -21.94
C ILE A 139 17.72 12.67 -22.63
N ASP A 140 18.42 13.77 -22.27
CA ASP A 140 19.77 14.01 -22.75
C ASP A 140 20.64 12.78 -22.53
N GLU A 141 20.69 12.11 -21.39
CA GLU A 141 21.58 10.98 -21.19
C GLU A 141 21.16 9.74 -21.99
N GLN A 142 19.85 9.51 -22.04
CA GLN A 142 19.24 8.35 -22.61
C GLN A 142 19.01 8.40 -24.10
N PHE A 143 18.76 9.56 -24.69
CA PHE A 143 18.54 9.63 -26.15
C PHE A 143 19.51 10.68 -26.69
N PRO A 144 20.77 10.29 -26.86
CA PRO A 144 21.82 11.19 -27.31
C PRO A 144 21.59 11.80 -28.69
N GLN A 145 20.94 11.06 -29.58
CA GLN A 145 20.64 11.56 -30.91
C GLN A 145 19.27 12.21 -30.96
N GLY A 146 18.69 12.49 -29.80
CA GLY A 146 17.41 13.17 -29.69
C GLY A 146 16.26 12.21 -29.93
N ILE A 147 15.02 12.67 -29.78
CA ILE A 147 13.89 11.76 -30.03
C ILE A 147 12.93 12.44 -31.01
N SER A 148 12.44 11.66 -31.94
CA SER A 148 11.59 12.22 -32.98
C SER A 148 10.12 12.05 -32.72
N GLU A 149 9.63 10.91 -32.21
CA GLU A 149 8.16 10.85 -32.00
C GLU A 149 7.91 10.89 -30.51
N PRO A 150 6.86 11.54 -30.04
CA PRO A 150 6.57 11.72 -28.65
C PRO A 150 6.50 10.42 -27.84
N ILE A 151 6.99 10.44 -26.61
CA ILE A 151 6.93 9.24 -25.75
C ILE A 151 5.85 9.49 -24.71
N PRO A 152 4.93 8.55 -24.56
CA PRO A 152 3.86 8.65 -23.57
C PRO A 152 4.45 8.53 -22.18
N LEU A 153 3.95 9.28 -21.24
CA LEU A 153 4.44 9.24 -19.86
C LEU A 153 3.30 9.00 -18.87
N GLY A 154 3.51 8.20 -17.85
CA GLY A 154 2.52 8.08 -16.79
C GLY A 154 3.12 8.59 -15.50
N PHE A 155 2.34 9.29 -14.70
CA PHE A 155 2.77 9.94 -13.49
C PHE A 155 2.22 9.27 -12.23
N THR A 156 3.04 8.57 -11.44
CA THR A 156 2.58 8.05 -10.15
C THR A 156 2.51 9.22 -9.16
N PHE A 157 1.32 9.63 -8.79
CA PHE A 157 1.09 10.77 -7.91
C PHE A 157 0.47 10.18 -6.65
N SER A 158 1.26 9.73 -5.68
CA SER A 158 0.58 9.02 -4.56
C SER A 158 0.19 9.94 -3.43
N PHE A 159 -0.35 11.12 -3.71
CA PHE A 159 -0.99 12.07 -2.83
C PHE A 159 -2.50 11.96 -3.04
N PRO A 160 -3.30 12.36 -2.07
CA PRO A 160 -4.76 12.25 -2.15
C PRO A 160 -5.31 13.06 -3.30
N ALA A 161 -5.88 12.39 -4.31
CA ALA A 161 -6.30 13.09 -5.52
C ALA A 161 -7.62 12.61 -6.11
N SER A 162 -8.25 13.39 -6.98
CA SER A 162 -9.44 12.86 -7.64
C SER A 162 -9.21 12.92 -9.16
N GLN A 163 -9.85 11.97 -9.81
CA GLN A 163 -9.78 11.76 -11.25
C GLN A 163 -11.13 11.40 -11.86
N ASN A 164 -11.51 11.90 -13.02
CA ASN A 164 -12.71 11.42 -13.71
C ASN A 164 -12.32 10.84 -15.07
N LYS A 165 -11.01 10.77 -15.28
CA LYS A 165 -10.49 10.18 -16.53
C LYS A 165 -9.00 9.91 -16.31
N ILE A 166 -8.36 9.08 -17.11
CA ILE A 166 -7.01 8.65 -16.80
C ILE A 166 -5.99 9.77 -16.82
N ASN A 167 -6.24 10.83 -17.61
CA ASN A 167 -5.21 11.84 -17.83
C ASN A 167 -5.53 13.16 -17.16
N GLU A 168 -6.14 13.12 -15.98
CA GLU A 168 -6.26 14.29 -15.13
C GLU A 168 -5.86 13.84 -13.73
N GLY A 169 -5.66 14.80 -12.84
CA GLY A 169 -5.42 14.46 -11.43
C GLY A 169 -5.68 15.69 -10.57
N ILE A 170 -6.79 15.78 -9.86
CA ILE A 170 -7.07 16.92 -8.98
C ILE A 170 -6.53 16.72 -7.57
N LEU A 171 -5.56 17.52 -7.14
CA LEU A 171 -5.02 17.38 -5.79
C LEU A 171 -6.12 17.62 -4.76
N GLN A 172 -6.40 16.70 -3.85
CA GLN A 172 -7.38 17.02 -2.81
C GLN A 172 -6.66 17.68 -1.61
N ARG A 173 -5.50 17.14 -1.21
CA ARG A 173 -4.74 17.80 -0.16
C ARG A 173 -3.28 17.35 -0.16
N TRP A 174 -2.39 18.30 0.05
CA TRP A 174 -0.97 17.96 0.19
C TRP A 174 -0.75 17.05 1.39
N THR A 175 0.37 16.37 1.34
CA THR A 175 0.76 15.37 2.33
C THR A 175 2.27 15.24 2.38
N LYS A 176 2.76 14.60 3.44
CA LYS A 176 4.17 14.37 3.65
C LYS A 176 5.05 15.60 3.74
N GLY A 177 4.52 16.71 4.23
CA GLY A 177 5.28 17.95 4.37
C GLY A 177 5.03 18.92 3.24
N PHE A 178 4.58 18.43 2.07
CA PHE A 178 4.36 19.39 0.98
C PHE A 178 3.36 20.43 1.49
N ASP A 179 3.55 21.63 0.99
CA ASP A 179 2.72 22.77 1.24
C ASP A 179 2.99 23.88 0.22
N ILE A 180 2.42 23.68 -0.97
CA ILE A 180 2.53 24.59 -2.11
C ILE A 180 1.18 25.21 -2.42
N PRO A 181 1.11 26.53 -2.47
CA PRO A 181 -0.12 27.26 -2.76
C PRO A 181 -0.61 27.05 -4.17
N ASN A 182 -1.89 27.30 -4.40
CA ASN A 182 -2.60 27.22 -5.66
C ASN A 182 -2.53 25.93 -6.46
N ILE A 183 -2.46 24.78 -5.78
CA ILE A 183 -2.39 23.49 -6.46
C ILE A 183 -3.59 22.68 -6.00
N GLU A 184 -3.92 22.75 -4.71
CA GLU A 184 -5.08 22.04 -4.19
C GLU A 184 -6.33 22.41 -4.99
N ASN A 185 -7.13 21.38 -5.30
CA ASN A 185 -8.31 21.55 -6.12
C ASN A 185 -8.01 21.97 -7.55
N HIS A 186 -6.78 21.74 -8.03
CA HIS A 186 -6.50 22.03 -9.43
C HIS A 186 -6.01 20.74 -10.10
N ASP A 187 -6.09 20.72 -11.42
CA ASP A 187 -5.57 19.58 -12.18
C ASP A 187 -4.06 19.75 -12.34
N VAL A 188 -3.30 18.73 -11.93
CA VAL A 188 -1.85 18.85 -12.00
C VAL A 188 -1.31 18.41 -13.34
N VAL A 189 -2.11 17.78 -14.21
CA VAL A 189 -1.52 17.25 -15.44
C VAL A 189 -1.10 18.36 -16.38
N PRO A 190 -1.95 19.34 -16.67
CA PRO A 190 -1.60 20.48 -17.49
C PRO A 190 -0.45 21.29 -16.87
N MET A 191 -0.32 21.34 -15.54
CA MET A 191 0.80 22.11 -14.97
C MET A 191 2.14 21.49 -15.34
N LEU A 192 2.22 20.16 -15.30
CA LEU A 192 3.42 19.46 -15.69
C LEU A 192 3.56 19.47 -17.21
N GLN A 193 2.44 19.35 -17.94
CA GLN A 193 2.56 19.31 -19.40
C GLN A 193 3.04 20.64 -19.96
N LYS A 194 2.52 21.75 -19.44
CA LYS A 194 2.96 23.08 -19.84
C LYS A 194 4.45 23.27 -19.69
N GLN A 195 5.10 22.87 -18.60
CA GLN A 195 6.55 23.01 -18.50
C GLN A 195 7.26 22.08 -19.46
N ILE A 196 6.71 20.89 -19.75
CA ILE A 196 7.40 20.00 -20.68
C ILE A 196 7.44 20.62 -22.09
N THR A 197 6.31 21.17 -22.51
CA THR A 197 6.18 21.76 -23.84
C THR A 197 7.01 23.04 -23.96
N LYS A 198 7.11 23.82 -22.87
CA LYS A 198 7.94 25.01 -22.85
C LYS A 198 9.40 24.71 -23.21
N ARG A 199 9.92 23.57 -22.78
CA ARG A 199 11.29 23.19 -23.05
C ARG A 199 11.42 22.35 -24.31
N ASN A 200 10.34 22.28 -25.07
CA ASN A 200 10.31 21.51 -26.32
C ASN A 200 10.58 20.02 -26.17
N ILE A 201 10.25 19.39 -25.05
CA ILE A 201 10.50 17.93 -24.96
C ILE A 201 9.27 17.27 -25.53
N PRO A 202 9.48 16.28 -26.40
CA PRO A 202 8.37 15.57 -27.03
C PRO A 202 7.92 14.37 -26.21
N ILE A 203 7.37 14.65 -25.05
CA ILE A 203 6.83 13.71 -24.09
C ILE A 203 5.36 14.08 -23.83
N GLU A 204 4.42 13.15 -23.78
CA GLU A 204 3.04 13.53 -23.51
C GLU A 204 2.64 12.84 -22.19
N VAL A 205 2.12 13.60 -21.23
CA VAL A 205 1.61 13.00 -20.01
C VAL A 205 0.22 12.43 -20.37
N VAL A 206 0.03 11.14 -20.16
CA VAL A 206 -1.24 10.53 -20.65
C VAL A 206 -1.95 9.74 -19.57
N ALA A 207 -1.35 9.62 -18.40
CA ALA A 207 -1.91 8.88 -17.28
C ALA A 207 -1.40 9.38 -15.92
N LEU A 208 -2.28 9.38 -14.94
CA LEU A 208 -1.94 9.78 -13.56
C LEU A 208 -2.56 8.67 -12.68
N ILE A 209 -1.74 7.95 -11.92
CA ILE A 209 -2.20 6.79 -11.19
C ILE A 209 -1.78 6.80 -9.71
N ASN A 210 -2.36 5.85 -8.99
CA ASN A 210 -1.98 5.55 -7.62
C ASN A 210 -1.03 4.38 -7.77
N ASP A 211 0.02 4.27 -6.96
CA ASP A 211 0.99 3.19 -7.11
C ASP A 211 0.43 1.78 -6.94
N THR A 212 -0.67 1.64 -6.21
CA THR A 212 -1.27 0.32 -6.03
C THR A 212 -1.92 -0.15 -7.32
N THR A 213 -2.56 0.76 -8.06
CA THR A 213 -3.12 0.38 -9.34
C THR A 213 -2.06 0.10 -10.39
N GLY A 214 -0.85 0.64 -10.34
CA GLY A 214 0.22 0.21 -11.22
C GLY A 214 0.75 -1.16 -10.77
N THR A 215 0.74 -1.42 -9.44
CA THR A 215 1.22 -2.73 -8.96
C THR A 215 0.43 -3.85 -9.63
N LEU A 216 -0.90 -3.71 -9.66
CA LEU A 216 -1.76 -4.67 -10.32
C LEU A 216 -1.43 -4.80 -11.82
N VAL A 217 -1.42 -3.65 -12.50
CA VAL A 217 -1.29 -3.66 -13.96
C VAL A 217 0.08 -4.13 -14.42
N ALA A 218 1.18 -3.73 -13.80
CA ALA A 218 2.49 -4.24 -14.19
C ALA A 218 2.68 -5.71 -13.86
N SER A 219 2.12 -6.21 -12.75
CA SER A 219 2.26 -7.65 -12.47
C SER A 219 1.43 -8.46 -13.45
N TYR A 220 0.27 -7.95 -13.87
CA TYR A 220 -0.56 -8.65 -14.86
C TYR A 220 0.18 -8.78 -16.19
N TYR A 221 0.92 -7.75 -16.59
CA TYR A 221 1.71 -7.81 -17.81
C TYR A 221 2.68 -8.98 -17.86
N THR A 222 3.41 -9.27 -16.78
CA THR A 222 4.31 -10.41 -16.72
C THR A 222 3.66 -11.67 -16.16
N ASP A 223 2.47 -11.57 -15.55
CA ASP A 223 1.85 -12.76 -14.93
C ASP A 223 0.34 -12.62 -15.02
N PRO A 224 -0.28 -13.28 -16.02
CA PRO A 224 -1.69 -13.15 -16.26
C PRO A 224 -2.58 -13.85 -15.26
N GLU A 225 -2.03 -14.50 -14.23
CA GLU A 225 -2.81 -15.04 -13.13
C GLU A 225 -3.02 -14.00 -12.02
N THR A 226 -2.47 -12.82 -12.20
CA THR A 226 -2.65 -11.72 -11.28
C THR A 226 -4.12 -11.34 -11.10
N LYS A 227 -4.61 -11.45 -9.85
CA LYS A 227 -5.99 -11.09 -9.53
C LYS A 227 -5.98 -9.79 -8.76
N MET A 228 -4.84 -9.39 -8.22
CA MET A 228 -4.83 -8.17 -7.38
C MET A 228 -3.42 -7.65 -7.21
N GLY A 229 -3.32 -6.36 -6.88
CA GLY A 229 -2.05 -5.77 -6.50
C GLY A 229 -2.24 -5.30 -5.04
N VAL A 230 -1.28 -5.56 -4.13
CA VAL A 230 -1.50 -5.27 -2.73
C VAL A 230 -0.22 -4.69 -2.13
N ILE A 231 -0.41 -3.70 -1.27
CA ILE A 231 0.69 -3.11 -0.54
C ILE A 231 0.51 -3.37 0.95
N PHE A 232 1.55 -3.87 1.58
CA PHE A 232 1.59 -4.06 3.03
C PHE A 232 2.78 -3.20 3.49
N GLY A 233 2.54 -1.91 3.72
CA GLY A 233 3.73 -1.07 4.08
C GLY A 233 3.30 -0.26 5.30
N THR A 234 3.68 0.99 5.36
CA THR A 234 3.27 1.95 6.34
C THR A 234 1.77 2.16 6.16
N GLY A 235 1.36 2.40 4.92
CA GLY A 235 -0.06 2.48 4.55
C GLY A 235 -0.45 1.09 4.01
N VAL A 236 -1.73 0.80 3.85
CA VAL A 236 -2.17 -0.45 3.29
C VAL A 236 -3.18 -0.17 2.17
N ASN A 237 -3.25 -1.01 1.13
CA ASN A 237 -4.12 -0.70 0.03
C ASN A 237 -4.17 -1.87 -0.93
N GLY A 238 -5.25 -1.96 -1.69
CA GLY A 238 -5.29 -3.02 -2.72
C GLY A 238 -6.07 -2.50 -3.94
N ALA A 239 -5.71 -3.04 -5.07
CA ALA A 239 -6.39 -2.72 -6.33
C ALA A 239 -6.60 -4.01 -7.11
N TYR A 240 -7.72 -4.06 -7.82
CA TYR A 240 -8.09 -5.26 -8.56
C TYR A 240 -8.95 -4.81 -9.75
N TYR A 241 -9.27 -5.76 -10.63
CA TYR A 241 -10.16 -5.45 -11.76
C TYR A 241 -11.61 -5.87 -11.48
N ASP A 242 -12.53 -4.95 -11.52
CA ASP A 242 -13.95 -5.31 -11.41
C ASP A 242 -14.50 -5.32 -12.82
N VAL A 243 -15.79 -5.15 -13.03
CA VAL A 243 -16.44 -5.26 -14.34
C VAL A 243 -17.39 -4.06 -14.44
N CYS A 244 -17.42 -3.28 -15.52
CA CYS A 244 -18.21 -2.04 -15.48
C CYS A 244 -19.68 -2.21 -15.23
N SER A 245 -20.34 -3.30 -15.67
CA SER A 245 -21.76 -3.49 -15.40
C SER A 245 -22.06 -3.74 -13.92
N ASP A 246 -21.05 -4.11 -13.13
CA ASP A 246 -21.25 -4.34 -11.70
C ASP A 246 -20.97 -3.13 -10.84
N ILE A 247 -20.71 -1.99 -11.44
CA ILE A 247 -20.40 -0.75 -10.73
C ILE A 247 -21.52 0.25 -10.92
N GLU A 248 -22.49 0.18 -10.02
CA GLU A 248 -23.65 1.03 -9.98
C GLU A 248 -23.38 2.52 -10.08
N LYS A 249 -22.36 3.05 -9.43
CA LYS A 249 -22.10 4.47 -9.44
C LYS A 249 -21.61 5.05 -10.76
N LEU A 250 -21.26 4.25 -11.74
CA LEU A 250 -20.88 4.64 -13.09
C LEU A 250 -22.01 4.43 -14.10
N GLN A 251 -23.14 3.85 -13.67
CA GLN A 251 -24.34 3.66 -14.48
C GLN A 251 -24.74 5.00 -15.16
N GLY A 252 -24.67 5.00 -16.50
CA GLY A 252 -25.08 6.22 -17.21
C GLY A 252 -23.94 7.22 -17.26
N LYS A 253 -22.72 6.83 -16.88
CA LYS A 253 -21.60 7.79 -16.93
C LYS A 253 -20.54 7.31 -17.92
N LEU A 254 -20.79 6.18 -18.55
CA LEU A 254 -19.82 5.54 -19.43
C LEU A 254 -20.33 5.64 -20.87
N SER A 255 -19.47 6.12 -21.78
CA SER A 255 -19.97 6.29 -23.15
C SER A 255 -20.15 4.94 -23.79
N ASP A 256 -20.91 4.88 -24.88
CA ASP A 256 -21.22 3.66 -25.57
C ASP A 256 -20.05 2.87 -26.12
N ASP A 257 -18.85 3.39 -26.22
CA ASP A 257 -17.70 2.61 -26.69
C ASP A 257 -17.06 1.78 -25.58
N ILE A 258 -17.63 1.74 -24.40
CA ILE A 258 -17.21 0.86 -23.32
C ILE A 258 -18.25 -0.24 -23.14
N PRO A 259 -17.96 -1.45 -23.60
CA PRO A 259 -18.88 -2.57 -23.47
C PRO A 259 -19.19 -2.82 -22.00
N PRO A 260 -20.41 -3.23 -21.68
CA PRO A 260 -20.83 -3.53 -20.32
C PRO A 260 -19.96 -4.54 -19.60
N SER A 261 -19.41 -5.53 -20.30
CA SER A 261 -18.50 -6.48 -19.71
C SER A 261 -17.05 -6.02 -19.63
N ALA A 262 -16.72 -4.77 -19.97
CA ALA A 262 -15.33 -4.33 -19.91
C ALA A 262 -14.85 -4.37 -18.45
N PRO A 263 -13.57 -4.61 -18.30
CA PRO A 263 -12.93 -4.54 -16.99
C PRO A 263 -12.79 -3.09 -16.53
N MET A 264 -12.73 -2.89 -15.21
CA MET A 264 -12.42 -1.56 -14.67
C MET A 264 -11.51 -1.73 -13.44
N ALA A 265 -10.25 -1.28 -13.53
CA ALA A 265 -9.38 -1.27 -12.39
C ALA A 265 -9.94 -0.39 -11.26
N ILE A 266 -9.95 -0.97 -10.07
CA ILE A 266 -10.41 -0.26 -8.89
C ILE A 266 -9.29 -0.07 -7.86
N ASN A 267 -9.08 1.14 -7.42
CA ASN A 267 -8.18 1.50 -6.35
C ASN A 267 -9.04 1.57 -5.05
N CYS A 268 -9.07 0.50 -4.25
CA CYS A 268 -10.00 0.46 -3.13
C CYS A 268 -9.75 1.55 -2.10
N GLU A 269 -8.51 1.81 -1.67
CA GLU A 269 -8.26 2.71 -0.58
C GLU A 269 -9.00 2.23 0.66
N TYR A 270 -8.90 0.92 0.92
CA TYR A 270 -9.59 0.25 1.97
C TYR A 270 -8.89 0.37 3.34
N GLY A 271 -8.02 1.36 3.60
CA GLY A 271 -7.53 1.58 4.93
C GLY A 271 -8.69 2.12 5.81
N SER A 272 -9.79 2.61 5.24
CA SER A 272 -10.87 3.08 6.12
C SER A 272 -11.88 1.99 6.47
N PHE A 273 -11.66 0.74 6.08
CA PHE A 273 -12.60 -0.33 6.34
C PHE A 273 -12.90 -0.34 7.86
N ASP A 274 -14.19 -0.38 8.18
CA ASP A 274 -14.69 -0.59 9.51
C ASP A 274 -14.41 0.57 10.43
N ASN A 275 -14.49 1.78 9.88
CA ASN A 275 -14.49 3.00 10.67
C ASN A 275 -15.76 3.01 11.53
N GLU A 276 -16.79 2.26 11.22
CA GLU A 276 -18.01 2.15 12.02
C GLU A 276 -17.85 1.24 13.24
N HIS A 277 -16.74 0.51 13.33
CA HIS A 277 -16.43 -0.36 14.44
C HIS A 277 -17.48 -1.43 14.67
N VAL A 278 -17.72 -2.25 13.67
CA VAL A 278 -18.70 -3.33 13.80
C VAL A 278 -18.08 -4.71 13.82
N VAL A 279 -16.86 -4.90 13.27
CA VAL A 279 -16.29 -6.25 13.29
C VAL A 279 -14.84 -6.34 13.75
N LEU A 280 -13.95 -5.43 13.36
CA LEU A 280 -12.54 -5.61 13.78
C LEU A 280 -12.38 -5.88 15.27
N PRO A 281 -11.48 -6.77 15.64
CA PRO A 281 -11.22 -7.14 17.04
C PRO A 281 -10.38 -6.13 17.78
N ARG A 282 -10.84 -4.89 17.92
CA ARG A 282 -10.08 -3.83 18.56
C ARG A 282 -10.01 -4.01 20.07
N THR A 283 -8.78 -3.96 20.61
CA THR A 283 -8.52 -4.18 22.01
C THR A 283 -8.34 -2.83 22.70
N LYS A 284 -8.15 -2.90 24.02
CA LYS A 284 -7.85 -1.68 24.75
C LYS A 284 -6.64 -0.99 24.16
N TYR A 285 -5.62 -1.72 23.69
CA TYR A 285 -4.46 -1.05 23.15
C TYR A 285 -4.71 -0.37 21.82
N ASP A 286 -5.59 -0.93 20.99
CA ASP A 286 -5.96 -0.34 19.70
C ASP A 286 -6.78 0.92 19.86
N ILE A 287 -7.64 0.93 20.87
CA ILE A 287 -8.40 2.15 21.21
C ILE A 287 -7.40 3.24 21.62
N THR A 288 -6.43 2.95 22.49
CA THR A 288 -5.46 3.99 22.84
C THR A 288 -4.65 4.47 21.64
N ILE A 289 -4.14 3.58 20.80
CA ILE A 289 -3.44 4.07 19.59
C ILE A 289 -4.38 5.02 18.85
N ASP A 290 -5.63 4.57 18.58
CA ASP A 290 -6.51 5.48 17.79
C ASP A 290 -6.66 6.83 18.46
N GLU A 291 -6.85 6.86 19.78
CA GLU A 291 -7.06 8.14 20.44
C GLU A 291 -5.81 8.98 20.44
N GLU A 292 -4.61 8.41 20.39
CA GLU A 292 -3.45 9.31 20.37
C GLU A 292 -3.02 9.67 18.97
N SER A 293 -3.71 9.25 17.90
CA SER A 293 -3.23 9.50 16.54
C SER A 293 -3.63 10.87 16.00
N PRO A 294 -3.00 11.28 14.91
CA PRO A 294 -3.34 12.51 14.23
C PRO A 294 -4.81 12.62 13.88
N ARG A 295 -5.52 11.56 13.52
CA ARG A 295 -6.94 11.59 13.19
C ARG A 295 -7.76 10.44 13.77
N PRO A 296 -8.19 10.60 15.01
CA PRO A 296 -8.99 9.61 15.72
C PRO A 296 -10.26 9.27 14.96
N GLY A 297 -10.62 8.00 14.84
CA GLY A 297 -11.79 7.57 14.11
C GLY A 297 -11.56 7.23 12.64
N GLN A 298 -10.43 7.56 12.08
CA GLN A 298 -10.12 7.27 10.69
C GLN A 298 -9.01 6.20 10.56
N GLN A 299 -8.92 5.70 9.35
CA GLN A 299 -7.95 4.73 8.90
C GLN A 299 -7.98 3.47 9.78
N THR A 300 -9.17 3.08 10.27
CA THR A 300 -9.33 1.99 11.19
C THR A 300 -8.69 0.69 10.71
N PHE A 301 -8.96 0.24 9.49
CA PHE A 301 -8.32 -1.03 9.10
C PHE A 301 -6.81 -0.91 8.99
N GLU A 302 -6.31 0.24 8.50
CA GLU A 302 -4.87 0.48 8.43
C GLU A 302 -4.23 0.48 9.82
N LYS A 303 -4.89 1.08 10.81
CA LYS A 303 -4.36 1.04 12.17
C LYS A 303 -4.36 -0.37 12.77
N MET A 304 -5.26 -1.24 12.31
CA MET A 304 -5.36 -2.57 12.86
C MET A 304 -4.47 -3.58 12.16
N SER A 305 -3.95 -3.19 10.98
CA SER A 305 -3.22 -4.18 10.18
C SER A 305 -1.88 -3.74 9.67
N SER A 306 -1.56 -2.47 9.62
CA SER A 306 -0.25 -2.03 9.17
C SER A 306 0.87 -2.26 10.20
N GLY A 307 2.04 -2.54 9.66
CA GLY A 307 3.26 -2.76 10.44
C GLY A 307 3.78 -1.56 11.17
N TYR A 308 3.40 -0.35 10.79
CA TYR A 308 3.80 0.92 11.37
C TYR A 308 3.51 1.09 12.86
N TYR A 309 2.48 0.49 13.44
CA TYR A 309 2.05 0.61 14.80
C TYR A 309 2.54 -0.51 15.71
N LEU A 310 3.19 -1.57 15.20
CA LEU A 310 3.46 -2.70 16.09
C LEU A 310 4.40 -2.41 17.24
N GLY A 311 5.40 -1.55 17.06
CA GLY A 311 6.23 -1.20 18.21
C GLY A 311 5.46 -0.40 19.25
N GLU A 312 4.47 0.39 18.81
CA GLU A 312 3.68 1.18 19.77
C GLU A 312 2.70 0.25 20.49
N ILE A 313 2.12 -0.73 19.79
CA ILE A 313 1.28 -1.72 20.49
C ILE A 313 2.10 -2.43 21.57
N LEU A 314 3.29 -2.92 21.25
CA LEU A 314 4.18 -3.58 22.16
C LEU A 314 4.49 -2.74 23.39
N ARG A 315 4.83 -1.48 23.13
CA ARG A 315 5.14 -0.51 24.14
C ARG A 315 4.04 -0.34 25.18
N LEU A 316 2.82 -0.16 24.70
CA LEU A 316 1.69 -0.06 25.63
C LEU A 316 1.44 -1.32 26.42
N ALA A 317 1.47 -2.51 25.80
CA ALA A 317 1.32 -3.72 26.58
C ALA A 317 2.41 -3.82 27.67
N LEU A 318 3.66 -3.43 27.42
CA LEU A 318 4.75 -3.48 28.36
C LEU A 318 4.57 -2.46 29.47
N MET A 319 4.09 -1.27 29.17
CA MET A 319 3.84 -0.23 30.15
C MET A 319 2.74 -0.69 31.12
N ASP A 320 1.72 -1.39 30.66
CA ASP A 320 0.72 -2.00 31.51
C ASP A 320 1.36 -3.00 32.49
N MET A 321 2.23 -3.88 31.97
CA MET A 321 2.85 -4.86 32.84
C MET A 321 3.73 -4.17 33.90
N TYR A 322 4.44 -3.10 33.55
CA TYR A 322 5.33 -2.40 34.45
C TYR A 322 4.53 -1.77 35.60
N LYS A 323 3.46 -1.10 35.19
CA LYS A 323 2.55 -0.44 36.08
C LYS A 323 1.86 -1.40 37.05
N GLN A 324 1.60 -2.64 36.61
CA GLN A 324 0.90 -3.58 37.49
C GLN A 324 1.90 -4.37 38.33
N GLY A 325 3.17 -4.01 38.29
CA GLY A 325 4.22 -4.53 39.11
C GLY A 325 4.81 -5.87 38.69
N PHE A 326 4.65 -6.30 37.45
CA PHE A 326 5.24 -7.57 37.05
C PHE A 326 6.65 -7.45 36.51
N ILE A 327 7.03 -6.39 35.78
CA ILE A 327 8.30 -6.35 35.09
C ILE A 327 9.00 -5.01 35.28
N PHE A 328 10.26 -4.95 34.88
CA PHE A 328 11.04 -3.71 34.92
C PHE A 328 11.06 -3.12 36.34
N LYS A 329 11.04 -3.97 37.35
CA LYS A 329 11.13 -3.56 38.74
C LYS A 329 12.43 -2.83 39.01
N ASN A 330 12.35 -1.63 39.59
CA ASN A 330 13.50 -0.82 39.93
C ASN A 330 14.27 -0.33 38.71
N GLN A 331 13.60 -0.23 37.55
CA GLN A 331 14.30 0.29 36.39
C GLN A 331 13.85 1.74 36.17
N ASP A 332 14.63 2.55 35.47
CA ASP A 332 14.16 3.90 35.16
C ASP A 332 13.49 3.85 33.80
N LEU A 333 12.23 4.24 33.64
CA LEU A 333 11.55 4.17 32.37
C LEU A 333 11.46 5.52 31.65
N SER A 334 12.30 6.48 31.99
CA SER A 334 12.15 7.83 31.43
C SER A 334 12.25 7.84 29.92
N LYS A 335 13.12 7.00 29.36
CA LYS A 335 13.33 6.92 27.92
C LYS A 335 12.32 6.05 27.22
N PHE A 336 11.72 5.12 27.95
CA PHE A 336 10.81 4.16 27.32
C PHE A 336 9.41 4.70 27.27
N ASP A 337 9.05 5.51 28.26
CA ASP A 337 7.68 5.97 28.46
C ASP A 337 7.39 7.20 27.60
N LYS A 338 7.32 7.00 26.30
CA LYS A 338 7.22 8.09 25.33
C LYS A 338 6.63 7.48 24.07
N PRO A 339 5.50 7.97 23.57
CA PRO A 339 4.80 7.36 22.45
C PRO A 339 5.64 7.29 21.21
N PHE A 340 5.59 6.19 20.48
CA PHE A 340 6.31 5.93 19.26
C PHE A 340 7.83 6.03 19.37
N VAL A 341 8.36 5.71 20.54
CA VAL A 341 9.80 5.54 20.71
C VAL A 341 10.20 4.23 20.06
N MET A 342 9.31 3.25 19.93
CA MET A 342 9.62 1.99 19.25
C MET A 342 8.90 1.95 17.90
N ASP A 343 9.66 1.94 16.81
CA ASP A 343 9.03 1.78 15.50
C ASP A 343 8.95 0.30 15.15
N THR A 344 8.55 -0.01 13.91
CA THR A 344 8.46 -1.39 13.46
C THR A 344 9.70 -2.25 13.65
N SER A 345 10.92 -1.70 13.54
CA SER A 345 12.13 -2.51 13.64
C SER A 345 12.41 -3.06 15.03
N TYR A 346 11.73 -2.65 16.09
CA TYR A 346 11.90 -3.23 17.41
C TYR A 346 11.33 -4.63 17.50
N PRO A 347 10.03 -4.82 17.35
CA PRO A 347 9.46 -6.14 17.31
C PRO A 347 10.12 -7.02 16.25
N ALA A 348 10.40 -6.51 15.05
CA ALA A 348 11.08 -7.26 14.01
C ALA A 348 12.41 -7.83 14.53
N ARG A 349 13.27 -7.03 15.15
CA ARG A 349 14.52 -7.53 15.71
C ARG A 349 14.33 -8.52 16.85
N ILE A 350 13.33 -8.28 17.70
CA ILE A 350 13.02 -9.20 18.78
C ILE A 350 12.59 -10.55 18.25
N GLU A 351 11.78 -10.64 17.20
CA GLU A 351 11.37 -11.88 16.56
C GLU A 351 12.50 -12.64 15.87
N GLU A 352 13.48 -11.96 15.36
CA GLU A 352 14.66 -12.51 14.73
C GLU A 352 15.73 -12.95 15.74
N ASP A 353 15.74 -12.46 16.98
CA ASP A 353 16.73 -12.88 17.99
C ASP A 353 16.85 -14.39 17.98
N PRO A 354 18.00 -14.98 17.62
CA PRO A 354 18.06 -16.40 17.28
C PRO A 354 18.17 -17.44 18.36
N PHE A 355 18.78 -17.04 19.47
CA PHE A 355 19.13 -17.94 20.56
C PHE A 355 18.14 -17.73 21.69
N GLU A 356 17.98 -18.81 22.44
CA GLU A 356 17.11 -18.98 23.54
C GLU A 356 17.12 -17.96 24.65
N ASN A 357 18.23 -17.36 25.03
CA ASN A 357 18.36 -16.41 26.10
C ASN A 357 18.12 -14.98 25.59
N LEU A 358 17.92 -14.88 24.26
CA LEU A 358 17.40 -13.64 23.70
C LEU A 358 18.36 -12.51 23.99
N GLU A 359 19.60 -12.67 23.57
CA GLU A 359 20.70 -11.76 23.76
C GLU A 359 20.55 -10.48 22.97
N ASP A 360 20.00 -10.50 21.76
CA ASP A 360 19.84 -9.31 20.95
C ASP A 360 18.79 -8.39 21.59
N THR A 361 17.75 -9.02 22.11
CA THR A 361 16.70 -8.27 22.81
C THR A 361 17.28 -7.60 24.06
N ASP A 362 18.09 -8.33 24.81
CA ASP A 362 18.80 -7.82 25.98
C ASP A 362 19.68 -6.62 25.61
N ASP A 363 20.46 -6.71 24.54
CA ASP A 363 21.27 -5.56 24.11
C ASP A 363 20.42 -4.34 23.71
N LEU A 364 19.33 -4.65 23.00
CA LEU A 364 18.44 -3.60 22.52
C LEU A 364 17.85 -2.78 23.70
N PHE A 365 17.24 -3.47 24.66
CA PHE A 365 16.65 -2.78 25.80
C PHE A 365 17.67 -2.03 26.65
N GLN A 366 18.88 -2.58 26.83
CA GLN A 366 19.94 -1.92 27.54
C GLN A 366 20.49 -0.71 26.79
N ASN A 367 20.86 -0.88 25.53
CA ASN A 367 21.45 0.22 24.81
C ASN A 367 20.47 1.35 24.52
N GLU A 368 19.27 1.00 24.07
CA GLU A 368 18.32 2.04 23.72
C GLU A 368 17.70 2.71 24.94
N PHE A 369 17.20 1.95 25.91
CA PHE A 369 16.39 2.53 26.97
C PHE A 369 17.06 2.53 28.33
N GLY A 370 18.19 1.82 28.50
CA GLY A 370 18.92 1.75 29.76
C GLY A 370 18.21 0.78 30.68
N ILE A 371 17.48 -0.15 30.09
CA ILE A 371 16.69 -1.10 30.89
C ILE A 371 17.38 -2.45 30.94
N ASN A 372 17.58 -2.94 32.13
CA ASN A 372 18.15 -4.27 32.34
C ASN A 372 16.98 -5.23 32.49
N THR A 373 16.91 -6.31 31.74
CA THR A 373 15.82 -7.25 31.87
C THR A 373 16.36 -8.59 32.38
N THR A 374 15.45 -9.44 32.83
CA THR A 374 15.78 -10.80 33.16
C THR A 374 15.37 -11.67 31.97
N VAL A 375 15.79 -12.92 31.93
CA VAL A 375 15.50 -13.83 30.84
C VAL A 375 13.98 -13.93 30.73
N GLN A 376 13.32 -14.18 31.85
CA GLN A 376 11.87 -14.33 31.86
C GLN A 376 11.18 -13.10 31.27
N GLU A 377 11.63 -11.90 31.57
CA GLU A 377 11.08 -10.71 30.94
C GLU A 377 11.26 -10.74 29.44
N ARG A 378 12.41 -11.27 28.99
CA ARG A 378 12.64 -11.30 27.54
C ARG A 378 11.73 -12.30 26.87
N LYS A 379 11.39 -13.42 27.49
CA LYS A 379 10.46 -14.39 26.93
C LYS A 379 9.06 -13.80 26.85
N LEU A 380 8.65 -13.00 27.84
CA LEU A 380 7.35 -12.30 27.71
C LEU A 380 7.39 -11.26 26.61
N ILE A 381 8.45 -10.50 26.43
CA ILE A 381 8.56 -9.50 25.36
C ILE A 381 8.51 -10.10 23.95
N ARG A 382 9.24 -11.20 23.79
CA ARG A 382 9.33 -12.00 22.59
C ARG A 382 7.98 -12.61 22.24
N ARG A 383 7.38 -13.23 23.24
CA ARG A 383 6.06 -13.83 23.02
C ARG A 383 5.03 -12.75 22.66
N LEU A 384 5.13 -11.57 23.25
CA LEU A 384 4.25 -10.45 22.87
C LEU A 384 4.49 -10.00 21.44
N SER A 385 5.77 -9.94 21.04
CA SER A 385 6.11 -9.49 19.71
C SER A 385 5.63 -10.49 18.64
N GLU A 386 5.61 -11.81 18.89
CA GLU A 386 5.12 -12.81 17.98
C GLU A 386 3.60 -12.71 17.83
N LEU A 387 2.90 -12.48 18.94
CA LEU A 387 1.45 -12.36 18.94
C LEU A 387 1.00 -11.16 18.13
N ILE A 388 1.70 -10.04 18.31
CA ILE A 388 1.37 -8.81 17.59
C ILE A 388 1.73 -8.88 16.12
N GLY A 389 2.82 -9.51 15.71
CA GLY A 389 3.18 -9.58 14.28
C GLY A 389 2.24 -10.62 13.65
N ALA A 390 1.83 -11.68 14.39
CA ALA A 390 0.93 -12.61 13.77
C ALA A 390 -0.45 -12.00 13.55
N ARG A 391 -1.01 -11.21 14.47
CA ARG A 391 -2.33 -10.60 14.36
C ARG A 391 -2.40 -9.64 13.16
N ALA A 392 -1.35 -8.83 13.02
CA ALA A 392 -1.31 -7.90 11.87
C ALA A 392 -1.27 -8.62 10.52
N ALA A 393 -0.59 -9.75 10.42
CA ALA A 393 -0.52 -10.56 9.21
C ALA A 393 -1.85 -11.23 8.90
N ARG A 394 -2.51 -11.75 9.94
CA ARG A 394 -3.80 -12.39 9.74
C ARG A 394 -4.85 -11.40 9.31
N LEU A 395 -5.00 -10.29 10.03
CA LEU A 395 -6.03 -9.32 9.64
C LEU A 395 -5.73 -8.72 8.27
N SER A 396 -4.47 -8.59 7.85
CA SER A 396 -4.13 -7.86 6.62
C SER A 396 -4.59 -8.64 5.42
N VAL A 397 -4.91 -9.94 5.50
CA VAL A 397 -5.34 -10.66 4.31
C VAL A 397 -6.86 -10.71 4.17
N CYS A 398 -7.63 -10.19 5.13
CA CYS A 398 -9.10 -10.18 4.96
C CYS A 398 -9.56 -9.45 3.71
N GLY A 399 -8.91 -8.37 3.30
CA GLY A 399 -9.19 -7.61 2.08
C GLY A 399 -8.90 -8.41 0.82
N ILE A 400 -7.85 -9.25 0.83
CA ILE A 400 -7.58 -10.16 -0.27
C ILE A 400 -8.73 -11.16 -0.37
N ALA A 401 -9.06 -11.83 0.73
CA ALA A 401 -10.10 -12.85 0.68
C ALA A 401 -11.43 -12.25 0.24
N ALA A 402 -11.75 -11.06 0.75
CA ALA A 402 -13.03 -10.46 0.37
C ALA A 402 -13.10 -10.13 -1.11
N ILE A 403 -11.99 -9.75 -1.75
CA ILE A 403 -12.04 -9.42 -3.17
C ILE A 403 -12.17 -10.67 -4.02
N CYS A 404 -11.48 -11.72 -3.61
CA CYS A 404 -11.48 -12.96 -4.37
C CYS A 404 -12.86 -13.60 -4.22
N GLN A 405 -13.44 -13.48 -3.02
CA GLN A 405 -14.79 -14.05 -2.88
C GLN A 405 -15.83 -13.19 -3.60
N LYS A 406 -15.73 -11.86 -3.55
CA LYS A 406 -16.65 -11.03 -4.32
C LYS A 406 -16.64 -11.34 -5.81
N ARG A 407 -15.46 -11.45 -6.41
CA ARG A 407 -15.29 -11.68 -7.82
C ARG A 407 -15.28 -13.16 -8.21
N GLY A 408 -15.28 -14.10 -7.26
CA GLY A 408 -15.31 -15.49 -7.68
C GLY A 408 -14.01 -16.05 -8.19
N TYR A 409 -12.89 -15.49 -7.79
CA TYR A 409 -11.57 -16.03 -8.12
C TYR A 409 -11.29 -17.22 -7.20
N LYS A 410 -11.29 -18.43 -7.74
CA LYS A 410 -11.00 -19.62 -6.94
C LYS A 410 -9.51 -19.88 -6.94
N THR A 411 -8.80 -19.46 -7.97
CA THR A 411 -7.36 -19.61 -8.05
C THR A 411 -6.76 -18.27 -8.49
N GLY A 412 -5.48 -18.07 -8.28
CA GLY A 412 -4.81 -16.85 -8.73
C GLY A 412 -3.60 -16.41 -7.96
N HIS A 413 -2.91 -15.37 -8.47
CA HIS A 413 -1.76 -14.81 -7.81
C HIS A 413 -2.10 -13.42 -7.27
N ILE A 414 -1.63 -13.16 -6.07
CA ILE A 414 -1.83 -11.87 -5.43
C ILE A 414 -0.46 -11.18 -5.45
N ALA A 415 -0.29 -10.10 -6.20
CA ALA A 415 1.03 -9.46 -6.31
C ALA A 415 1.20 -8.50 -5.16
N ALA A 416 2.21 -8.70 -4.31
CA ALA A 416 2.40 -7.96 -3.11
C ALA A 416 3.68 -7.13 -3.07
N ASP A 417 3.60 -6.06 -2.34
CA ASP A 417 4.73 -5.15 -2.18
C ASP A 417 4.56 -4.41 -0.86
N GLY A 418 5.55 -3.60 -0.51
CA GLY A 418 5.59 -2.89 0.75
C GLY A 418 6.74 -3.41 1.63
N SER A 419 7.21 -2.56 2.55
CA SER A 419 8.33 -2.93 3.45
C SER A 419 8.04 -3.99 4.49
N VAL A 420 6.81 -4.05 5.00
CA VAL A 420 6.40 -5.12 5.94
C VAL A 420 6.35 -6.47 5.27
N TYR A 421 5.62 -6.62 4.15
CA TYR A 421 5.66 -7.81 3.33
C TYR A 421 7.11 -8.19 2.97
N ASN A 422 7.96 -7.30 2.48
CA ASN A 422 9.30 -7.70 2.06
C ASN A 422 10.23 -7.98 3.23
N ARG A 423 10.15 -7.24 4.32
CA ARG A 423 11.11 -7.41 5.40
C ARG A 423 10.61 -7.87 6.75
N TYR A 424 9.36 -7.80 7.16
CA TYR A 424 8.99 -8.12 8.55
C TYR A 424 9.11 -9.62 8.68
N PRO A 425 9.82 -10.12 9.68
CA PRO A 425 10.06 -11.54 9.82
C PRO A 425 8.81 -12.40 9.95
N GLY A 426 8.66 -13.45 9.14
CA GLY A 426 7.57 -14.38 9.15
C GLY A 426 6.26 -13.81 8.62
N PHE A 427 6.11 -12.57 8.16
CA PHE A 427 4.87 -12.03 7.68
C PHE A 427 4.31 -12.83 6.49
N LYS A 428 5.14 -13.30 5.59
CA LYS A 428 4.74 -14.00 4.40
C LYS A 428 4.12 -15.36 4.72
N GLU A 429 4.72 -16.14 5.58
CA GLU A 429 4.15 -17.45 5.91
C GLU A 429 2.82 -17.28 6.64
N LYS A 430 2.83 -16.41 7.65
CA LYS A 430 1.59 -16.16 8.40
C LYS A 430 0.47 -15.58 7.57
N ALA A 431 0.74 -14.73 6.58
CA ALA A 431 -0.32 -14.18 5.71
C ALA A 431 -0.89 -15.29 4.87
N ALA A 432 -0.02 -16.17 4.34
CA ALA A 432 -0.47 -17.28 3.52
C ALA A 432 -1.29 -18.25 4.38
N ASN A 433 -0.83 -18.50 5.61
CA ASN A 433 -1.58 -19.47 6.43
C ASN A 433 -2.91 -18.90 6.85
N ALA A 434 -3.07 -17.59 6.98
CA ALA A 434 -4.32 -16.98 7.33
C ALA A 434 -5.35 -17.14 6.22
N LEU A 435 -4.95 -17.09 4.97
CA LEU A 435 -5.81 -17.32 3.83
C LEU A 435 -6.35 -18.76 3.90
N LYS A 436 -5.44 -19.68 4.18
CA LYS A 436 -5.74 -21.08 4.34
C LYS A 436 -6.86 -21.33 5.37
N ASP A 437 -6.74 -20.73 6.56
CA ASP A 437 -7.73 -20.78 7.59
C ASP A 437 -9.07 -20.20 7.14
N ILE A 438 -9.03 -19.00 6.54
CA ILE A 438 -10.23 -18.36 6.04
C ILE A 438 -10.99 -19.31 5.10
N TYR A 439 -10.31 -19.86 4.12
CA TYR A 439 -10.89 -20.74 3.13
C TYR A 439 -11.04 -22.19 3.61
N GLY A 440 -10.39 -22.63 4.68
CA GLY A 440 -10.45 -24.02 5.08
C GLY A 440 -9.78 -24.96 4.09
N TRP A 441 -8.60 -24.58 3.57
CA TRP A 441 -7.89 -25.41 2.60
C TRP A 441 -7.19 -26.52 3.38
N THR A 442 -6.89 -27.63 2.69
CA THR A 442 -6.21 -28.74 3.39
C THR A 442 -4.80 -28.96 2.89
N GLN A 443 -4.33 -28.20 1.91
CA GLN A 443 -2.99 -28.53 1.38
C GLN A 443 -1.96 -28.13 2.42
N THR A 444 -0.78 -28.72 2.43
CA THR A 444 0.16 -28.45 3.52
C THR A 444 1.44 -27.71 3.14
N SER A 445 1.67 -27.42 1.86
CA SER A 445 2.83 -26.55 1.55
C SER A 445 2.30 -25.22 1.00
N LEU A 446 2.81 -24.06 1.41
CA LEU A 446 2.36 -22.84 0.78
C LEU A 446 2.36 -22.86 -0.76
N ASP A 447 3.22 -23.60 -1.43
CA ASP A 447 3.28 -23.61 -2.88
C ASP A 447 2.08 -24.28 -3.56
N ASP A 448 1.26 -25.10 -2.94
CA ASP A 448 0.08 -25.71 -3.52
C ASP A 448 -1.23 -24.99 -3.17
N TYR A 449 -1.18 -23.91 -2.40
CA TYR A 449 -2.38 -23.14 -2.08
C TYR A 449 -2.92 -22.62 -3.40
N PRO A 450 -4.23 -22.65 -3.61
CA PRO A 450 -4.77 -22.16 -4.86
C PRO A 450 -4.64 -20.66 -5.03
N ILE A 451 -4.65 -19.86 -3.97
CA ILE A 451 -4.54 -18.40 -4.10
C ILE A 451 -3.20 -18.06 -3.48
N LYS A 452 -2.22 -17.68 -4.28
CA LYS A 452 -0.90 -17.47 -3.73
C LYS A 452 -0.50 -16.00 -3.73
N ILE A 453 0.23 -15.62 -2.69
CA ILE A 453 0.83 -14.31 -2.59
C ILE A 453 2.25 -14.40 -3.16
N VAL A 454 2.56 -13.58 -4.17
CA VAL A 454 3.87 -13.65 -4.83
C VAL A 454 4.44 -12.24 -4.90
N PRO A 455 5.74 -12.06 -5.12
CA PRO A 455 6.32 -10.73 -5.21
C PRO A 455 5.80 -9.92 -6.38
N ALA A 456 5.38 -8.67 -6.18
CA ALA A 456 4.87 -7.87 -7.27
C ALA A 456 5.97 -7.29 -8.17
N GLU A 457 5.59 -6.92 -9.40
CA GLU A 457 6.46 -6.06 -10.20
C GLU A 457 6.34 -4.63 -9.63
N ASP A 458 7.20 -3.74 -10.17
CA ASP A 458 7.22 -2.37 -9.67
C ASP A 458 6.06 -1.54 -10.16
N GLY A 459 5.22 -1.06 -9.25
CA GLY A 459 4.03 -0.33 -9.59
C GLY A 459 4.24 1.15 -9.91
N SER A 460 5.24 1.80 -9.30
CA SER A 460 5.54 3.18 -9.48
C SER A 460 6.18 3.50 -10.84
N GLY A 461 7.05 2.61 -11.28
CA GLY A 461 7.84 2.69 -12.46
C GLY A 461 7.17 1.94 -13.61
N ALA A 462 7.35 0.64 -13.64
CA ALA A 462 6.78 -0.22 -14.67
C ALA A 462 5.28 -0.10 -14.84
N GLY A 463 4.53 -0.12 -13.75
CA GLY A 463 3.11 0.02 -13.67
C GLY A 463 2.62 1.32 -14.29
N ALA A 464 3.13 2.49 -13.91
CA ALA A 464 2.71 3.70 -14.61
C ALA A 464 3.04 3.62 -16.12
N ALA A 465 4.15 3.04 -16.54
CA ALA A 465 4.52 2.96 -17.94
C ALA A 465 3.59 2.06 -18.76
N VAL A 466 3.22 0.92 -18.17
CA VAL A 466 2.29 -0.01 -18.77
C VAL A 466 0.91 0.62 -18.87
N ILE A 467 0.50 1.40 -17.86
CA ILE A 467 -0.79 2.09 -17.91
C ILE A 467 -0.74 3.21 -18.97
N ALA A 468 0.37 3.91 -19.10
CA ALA A 468 0.56 4.93 -20.12
C ALA A 468 0.43 4.26 -21.50
N ALA A 469 1.01 3.11 -21.76
CA ALA A 469 0.85 2.34 -22.98
C ALA A 469 -0.62 2.00 -23.22
N LEU A 470 -1.44 1.63 -22.24
CA LEU A 470 -2.83 1.33 -22.54
C LEU A 470 -3.63 2.60 -22.79
N ALA A 471 -3.34 3.66 -22.06
CA ALA A 471 -4.15 4.86 -22.24
C ALA A 471 -3.82 5.46 -23.63
N GLN A 472 -2.53 5.45 -23.96
CA GLN A 472 -2.20 6.17 -25.20
C GLN A 472 -2.81 5.54 -26.43
N LYS A 473 -2.91 4.23 -26.50
CA LYS A 473 -3.59 3.49 -27.53
C LYS A 473 -5.05 3.89 -27.60
N ARG A 474 -5.73 4.07 -26.48
CA ARG A 474 -7.14 4.47 -26.54
C ARG A 474 -7.26 5.91 -27.05
N ILE A 475 -6.46 6.80 -26.45
CA ILE A 475 -6.47 8.20 -26.87
C ILE A 475 -6.21 8.34 -28.37
N ALA A 476 -5.26 7.57 -28.91
CA ALA A 476 -4.96 7.54 -30.33
C ALA A 476 -6.14 7.11 -31.21
N GLU A 477 -6.98 6.24 -30.70
CA GLU A 477 -8.09 5.65 -31.44
C GLU A 477 -9.37 6.46 -31.20
N GLY A 478 -9.31 7.45 -30.36
CA GLY A 478 -10.45 8.25 -29.99
C GLY A 478 -11.40 7.59 -29.00
N LYS A 479 -10.99 6.55 -28.30
CA LYS A 479 -11.84 5.88 -27.34
C LYS A 479 -11.83 6.63 -26.03
N SER A 480 -12.92 6.52 -25.30
CA SER A 480 -13.11 7.08 -23.98
C SER A 480 -12.03 6.66 -22.98
N VAL A 481 -11.65 7.54 -22.06
CA VAL A 481 -10.69 7.22 -21.01
C VAL A 481 -11.19 7.73 -19.66
N GLY A 482 -12.46 8.09 -19.59
CA GLY A 482 -13.11 8.58 -18.39
C GLY A 482 -14.61 8.71 -18.61
N ILE A 483 -15.30 9.33 -17.64
CA ILE A 483 -16.76 9.42 -17.79
C ILE A 483 -17.11 10.40 -18.91
N ILE A 484 -18.35 10.34 -19.40
CA ILE A 484 -18.86 11.29 -20.38
C ILE A 484 -18.73 12.69 -19.79
N GLY A 485 -17.99 13.60 -20.39
CA GLY A 485 -17.81 14.91 -19.79
C GLY A 485 -16.44 15.40 -19.40
N ALA A 486 -15.58 14.75 -18.64
CA ALA A 486 -14.22 15.16 -18.33
C ALA A 486 -13.99 16.43 -17.52
S SO4 B . 6.56 1.32 2.27
O1 SO4 B . 5.33 1.98 1.76
O2 SO4 B . 6.61 -0.06 1.71
O3 SO4 B . 6.51 1.40 3.77
O4 SO4 B . 7.83 2.02 1.89
#